data_3KJL
#
_entry.id   3KJL
#
_cell.length_a   68.670
_cell.length_b   68.670
_cell.length_c   232.860
_cell.angle_alpha   90.00
_cell.angle_beta   90.00
_cell.angle_gamma   120.00
#
_symmetry.space_group_name_H-M   'P 61'
#
loop_
_entity.id
_entity.type
_entity.pdbx_description
1 polymer 'Protein SUS1'
2 polymer 'SAGA-associated factor 11'
3 water water
#
loop_
_entity_poly.entity_id
_entity_poly.type
_entity_poly.pdbx_seq_one_letter_code
_entity_poly.pdbx_strand_id
1 'polypeptide(L)'
;MTMDTAQLKSQIQQYLVESGNYELISNELKARLLQEGWVDKVKDLTKSEMNINESTNFTQILSTVEPKALEMVSDSTRET
VLKQIREFLEEIVDTQ
;
A,B,C,D
2 'polypeptide(L)' TEETITIDSISNGILNNLLTTLIQDIVARETT E,F,G,H
#
# COMPACT_ATOMS: atom_id res chain seq x y z
N GLN A 7 -5.27 6.84 27.17
CA GLN A 7 -3.84 6.73 27.41
C GLN A 7 -3.05 7.61 26.43
N LEU A 8 -3.13 7.29 25.14
CA LEU A 8 -2.40 8.03 24.12
C LEU A 8 -3.19 8.17 22.82
N LYS A 9 -4.22 9.01 22.85
CA LYS A 9 -5.04 9.24 21.66
C LYS A 9 -4.21 9.92 20.57
N SER A 10 -3.32 10.82 20.98
CA SER A 10 -2.52 11.60 20.04
C SER A 10 -1.41 10.74 19.43
N GLN A 11 -0.95 9.74 20.18
CA GLN A 11 0.03 8.81 19.66
C GLN A 11 -0.49 8.23 18.36
N ILE A 12 -1.78 7.92 18.34
CA ILE A 12 -2.42 7.32 17.16
C ILE A 12 -2.31 8.25 15.97
N GLN A 13 -2.44 9.55 16.22
CA GLN A 13 -2.41 10.56 15.18
C GLN A 13 -1.08 10.59 14.43
N GLN A 14 0.01 10.43 15.18
CA GLN A 14 1.36 10.53 14.61
C GLN A 14 1.62 9.48 13.54
N TYR A 15 1.16 8.26 13.78
CA TYR A 15 1.49 7.12 12.92
C TYR A 15 0.85 7.21 11.54
N LEU A 16 -0.28 7.90 11.43
CA LEU A 16 -0.94 8.08 10.14
C LEU A 16 -0.16 9.06 9.27
N VAL A 17 0.50 10.02 9.91
CA VAL A 17 1.34 10.97 9.21
C VAL A 17 2.57 10.24 8.65
N GLU A 18 3.09 9.31 9.45
CA GLU A 18 4.25 8.53 9.06
C GLU A 18 3.90 7.56 7.93
N SER A 19 2.74 6.93 8.03
CA SER A 19 2.29 5.99 7.00
C SER A 19 2.15 6.73 5.67
N GLY A 20 1.72 7.98 5.75
CA GLY A 20 1.56 8.80 4.56
C GLY A 20 2.89 9.24 4.00
N ASN A 21 3.89 9.34 4.86
CA ASN A 21 5.22 9.75 4.45
C ASN A 21 6.01 8.59 3.86
N TYR A 22 5.94 7.43 4.49
CA TYR A 22 6.65 6.25 4.00
C TYR A 22 6.15 5.93 2.61
N GLU A 23 4.83 5.96 2.44
CA GLU A 23 4.23 5.78 1.13
C GLU A 23 4.74 6.89 0.20
N LEU A 24 4.82 8.11 0.73
CA LEU A 24 5.31 9.24 -0.04
C LEU A 24 6.73 8.99 -0.54
N ILE A 25 7.53 8.35 0.30
CA ILE A 25 8.94 8.09 -0.01
C ILE A 25 9.02 7.04 -1.11
N SER A 26 8.17 6.03 -1.01
CA SER A 26 8.15 4.95 -1.97
C SER A 26 7.70 5.46 -3.34
N ASN A 27 6.83 6.46 -3.37
CA ASN A 27 6.35 7.01 -4.64
C ASN A 27 7.46 7.73 -5.37
N GLU A 28 8.17 8.61 -4.65
CA GLU A 28 9.17 9.46 -5.27
C GLU A 28 10.38 8.66 -5.76
N LEU A 29 10.72 7.59 -5.04
CA LEU A 29 11.82 6.73 -5.44
C LEU A 29 11.55 6.09 -6.80
N LYS A 30 10.33 5.56 -6.96
CA LYS A 30 9.95 4.90 -8.20
C LYS A 30 10.05 5.88 -9.38
N ALA A 31 9.83 7.16 -9.10
CA ALA A 31 9.85 8.17 -10.14
C ALA A 31 11.27 8.40 -10.67
N ARG A 32 12.23 8.48 -9.76
CA ARG A 32 13.62 8.75 -10.15
C ARG A 32 14.17 7.61 -11.00
N LEU A 33 13.95 6.38 -10.55
CA LEU A 33 14.42 5.21 -11.27
C LEU A 33 13.75 5.09 -12.64
N LEU A 34 12.44 5.33 -12.67
CA LEU A 34 11.66 5.22 -13.89
C LEU A 34 12.02 6.32 -14.88
N GLN A 35 12.29 7.51 -14.35
CA GLN A 35 12.70 8.65 -15.16
C GLN A 35 14.06 8.40 -15.79
N GLU A 36 14.88 7.64 -15.07
CA GLU A 36 16.24 7.32 -15.52
C GLU A 36 16.24 6.17 -16.52
N GLY A 37 15.08 5.55 -16.71
CA GLY A 37 14.99 4.38 -17.56
C GLY A 37 15.62 3.17 -16.88
N TRP A 38 15.90 3.32 -15.59
CA TRP A 38 16.46 2.24 -14.79
C TRP A 38 15.54 1.02 -14.82
N VAL A 39 14.23 1.27 -14.79
CA VAL A 39 13.25 0.19 -14.85
C VAL A 39 13.31 -0.53 -16.18
N ASP A 40 13.55 0.22 -17.25
CA ASP A 40 13.62 -0.36 -18.59
C ASP A 40 14.85 -1.25 -18.72
N LYS A 41 15.93 -0.89 -18.05
CA LYS A 41 17.16 -1.66 -18.09
C LYS A 41 17.03 -2.95 -17.28
N VAL A 42 16.27 -2.88 -16.18
CA VAL A 42 16.06 -4.05 -15.34
C VAL A 42 15.20 -5.09 -16.07
N LYS A 43 14.19 -4.61 -16.80
CA LYS A 43 13.37 -5.50 -17.62
C LYS A 43 14.26 -6.24 -18.61
N ASP A 44 15.15 -5.51 -19.27
CA ASP A 44 16.06 -6.09 -20.24
C ASP A 44 17.00 -7.09 -19.57
N LEU A 45 17.35 -6.82 -18.32
CA LEU A 45 18.26 -7.67 -17.56
C LEU A 45 17.59 -8.99 -17.17
N THR A 46 16.29 -8.93 -16.90
CA THR A 46 15.54 -10.12 -16.50
C THR A 46 15.45 -11.11 -17.67
N LYS A 47 15.15 -10.58 -18.84
CA LYS A 47 15.04 -11.40 -20.04
C LYS A 47 16.39 -11.96 -20.47
N SER A 48 17.46 -11.20 -20.24
CA SER A 48 18.80 -11.64 -20.55
C SER A 48 19.19 -12.83 -19.67
N GLU A 49 18.73 -12.81 -18.42
CA GLU A 49 19.03 -13.89 -17.48
C GLU A 49 18.12 -15.09 -17.73
N MET A 50 16.96 -14.85 -18.33
CA MET A 50 16.05 -15.94 -18.67
C MET A 50 16.58 -16.70 -19.88
N ASN A 51 17.31 -16.00 -20.74
CA ASN A 51 17.95 -16.61 -21.90
C ASN A 51 19.20 -17.36 -21.49
N ILE A 52 19.96 -16.79 -20.57
CA ILE A 52 21.20 -17.39 -20.08
C ILE A 52 20.91 -18.67 -19.31
N ASN A 53 19.82 -18.68 -18.56
CA ASN A 53 19.47 -19.83 -17.73
C ASN A 53 18.23 -20.53 -18.27
N GLU A 54 18.30 -21.86 -18.35
CA GLU A 54 17.20 -22.67 -18.86
C GLU A 54 15.91 -22.32 -18.14
N SER A 55 16.00 -22.14 -16.83
CA SER A 55 14.85 -21.90 -15.99
C SER A 55 14.24 -20.51 -16.18
N THR A 56 12.92 -20.44 -16.03
CA THR A 56 12.22 -19.16 -16.03
C THR A 56 11.56 -18.95 -14.68
N ASN A 57 12.03 -19.69 -13.68
CA ASN A 57 11.48 -19.61 -12.33
C ASN A 57 11.70 -18.24 -11.72
N PHE A 58 10.77 -17.81 -10.87
CA PHE A 58 10.86 -16.49 -10.24
C PHE A 58 12.02 -16.43 -9.24
N THR A 59 12.16 -17.46 -8.41
CA THR A 59 13.17 -17.49 -7.38
C THR A 59 14.58 -17.63 -7.97
N GLN A 60 14.73 -18.52 -8.95
CA GLN A 60 16.02 -18.74 -9.58
C GLN A 60 16.47 -17.53 -10.40
N ILE A 61 15.51 -16.85 -11.03
CA ILE A 61 15.79 -15.66 -11.82
C ILE A 61 16.02 -14.44 -10.93
N LEU A 62 15.38 -14.45 -9.76
CA LEU A 62 15.47 -13.31 -8.84
C LEU A 62 16.87 -13.19 -8.25
N SER A 63 17.50 -14.32 -7.99
CA SER A 63 18.81 -14.34 -7.34
C SER A 63 19.91 -13.80 -8.25
N THR A 64 19.80 -14.06 -9.55
CA THR A 64 20.80 -13.60 -10.51
C THR A 64 20.63 -12.12 -10.85
N VAL A 65 19.38 -11.68 -10.91
CA VAL A 65 19.08 -10.32 -11.34
C VAL A 65 19.15 -9.30 -10.20
N GLU A 66 18.74 -9.70 -9.01
CA GLU A 66 18.56 -8.77 -7.90
C GLU A 66 19.86 -8.15 -7.39
N PRO A 67 20.84 -9.00 -7.05
CA PRO A 67 22.12 -8.50 -6.52
C PRO A 67 22.73 -7.40 -7.39
N LYS A 68 22.73 -7.59 -8.70
CA LYS A 68 23.30 -6.60 -9.60
C LYS A 68 22.43 -5.35 -9.67
N ALA A 69 21.12 -5.55 -9.63
CA ALA A 69 20.16 -4.45 -9.73
C ALA A 69 20.33 -3.46 -8.58
N LEU A 70 20.63 -3.98 -7.40
CA LEU A 70 20.85 -3.13 -6.24
C LEU A 70 22.07 -2.24 -6.47
N GLU A 71 23.06 -2.79 -7.17
CA GLU A 71 24.28 -2.07 -7.47
C GLU A 71 24.03 -0.97 -8.50
N MET A 72 23.02 -1.18 -9.34
CA MET A 72 22.81 -0.35 -10.53
C MET A 72 22.19 1.03 -10.25
N VAL A 73 21.47 1.15 -9.13
CA VAL A 73 20.76 2.40 -8.85
C VAL A 73 21.73 3.58 -8.92
N SER A 74 21.29 4.65 -9.57
CA SER A 74 22.14 5.82 -9.81
C SER A 74 22.60 6.45 -8.48
N ASP A 75 23.70 7.20 -8.56
CA ASP A 75 24.26 7.84 -7.38
C ASP A 75 23.33 8.93 -6.86
N SER A 76 22.80 9.74 -7.76
CA SER A 76 21.94 10.85 -7.39
C SER A 76 20.67 10.36 -6.71
N THR A 77 20.12 9.25 -7.19
CA THR A 77 18.89 8.70 -6.63
C THR A 77 19.09 8.27 -5.18
N ARG A 78 20.23 7.66 -4.90
CA ARG A 78 20.52 7.19 -3.56
C ARG A 78 20.51 8.35 -2.57
N GLU A 79 21.29 9.38 -2.85
CA GLU A 79 21.44 10.51 -1.94
C GLU A 79 20.14 11.25 -1.70
N THR A 80 19.39 11.48 -2.77
CA THR A 80 18.14 12.24 -2.66
C THR A 80 17.10 11.49 -1.86
N VAL A 81 16.95 10.20 -2.14
CA VAL A 81 16.00 9.37 -1.42
C VAL A 81 16.44 9.19 0.03
N LEU A 82 17.75 9.16 0.26
CA LEU A 82 18.30 9.01 1.61
C LEU A 82 18.05 10.29 2.40
N LYS A 83 18.05 11.41 1.71
CA LYS A 83 17.75 12.70 2.32
C LYS A 83 16.29 12.72 2.74
N GLN A 84 15.44 12.24 1.84
CA GLN A 84 13.99 12.21 2.08
C GLN A 84 13.66 11.20 3.17
N ILE A 85 14.41 10.10 3.21
CA ILE A 85 14.23 9.09 4.23
C ILE A 85 14.69 9.65 5.57
N ARG A 86 15.62 10.61 5.51
CA ARG A 86 16.13 11.24 6.71
C ARG A 86 15.11 12.20 7.31
N GLU A 87 14.35 12.87 6.45
CA GLU A 87 13.31 13.77 6.91
C GLU A 87 12.26 12.95 7.65
N PHE A 88 11.84 11.85 7.02
CA PHE A 88 10.86 10.93 7.60
C PHE A 88 11.33 10.32 8.90
N LEU A 89 12.57 9.83 8.90
CA LEU A 89 13.16 9.20 10.08
C LEU A 89 13.31 10.17 11.22
N GLU A 90 13.68 11.41 10.90
CA GLU A 90 13.92 12.44 11.90
C GLU A 90 12.61 12.89 12.54
N GLU A 91 11.51 12.74 11.81
CA GLU A 91 10.19 13.11 12.31
C GLU A 91 9.88 12.38 13.61
N ILE A 92 10.23 11.10 13.67
CA ILE A 92 9.93 10.29 14.84
C ILE A 92 11.19 10.10 15.68
N THR B 1 30.44 8.33 21.92
CA THR B 1 30.17 7.74 20.62
C THR B 1 28.67 7.79 20.33
N GLU B 2 28.22 8.89 19.75
CA GLU B 2 26.81 9.05 19.43
C GLU B 2 26.30 7.86 18.64
N GLU B 3 27.20 7.25 17.86
CA GLU B 3 26.82 6.11 17.02
C GLU B 3 25.62 6.52 16.18
N THR B 4 25.53 7.81 15.88
CA THR B 4 24.46 8.36 15.08
C THR B 4 24.52 7.81 13.66
N ILE B 5 25.67 7.25 13.31
CA ILE B 5 25.87 6.68 11.98
C ILE B 5 25.00 5.42 11.83
N THR B 6 24.73 4.77 12.95
CA THR B 6 23.91 3.56 12.94
C THR B 6 22.44 3.91 12.78
N ILE B 7 22.10 5.18 13.03
CA ILE B 7 20.76 5.66 12.70
C ILE B 7 20.75 5.87 11.19
N ASP B 8 21.89 6.29 10.66
CA ASP B 8 22.06 6.53 9.24
C ASP B 8 21.99 5.23 8.46
N SER B 9 22.48 4.15 9.06
CA SER B 9 22.46 2.85 8.42
C SER B 9 21.03 2.31 8.36
N ILE B 10 20.19 2.77 9.28
CA ILE B 10 18.77 2.41 9.26
C ILE B 10 18.07 3.07 8.08
N SER B 11 18.49 4.29 7.76
CA SER B 11 17.93 5.03 6.63
C SER B 11 18.27 4.28 5.34
N ASN B 12 19.50 3.82 5.25
CA ASN B 12 19.96 3.08 4.08
C ASN B 12 19.24 1.74 3.96
N GLY B 13 19.01 1.09 5.09
CA GLY B 13 18.31 -0.18 5.12
C GLY B 13 16.91 -0.05 4.53
N ILE B 14 16.15 0.92 5.03
CA ILE B 14 14.82 1.21 4.51
C ILE B 14 14.85 1.34 3.00
N LEU B 15 15.81 2.11 2.49
CA LEU B 15 15.96 2.29 1.06
C LEU B 15 16.09 0.94 0.35
N ASN B 16 16.93 0.07 0.92
CA ASN B 16 17.17 -1.25 0.36
C ASN B 16 15.90 -2.10 0.28
N ASN B 17 14.98 -1.88 1.21
CA ASN B 17 13.69 -2.58 1.16
C ASN B 17 12.90 -2.11 -0.05
N LEU B 18 12.75 -0.79 -0.16
CA LEU B 18 12.02 -0.19 -1.26
C LEU B 18 12.58 -0.65 -2.59
N LEU B 19 13.88 -0.88 -2.63
CA LEU B 19 14.56 -1.34 -3.84
C LEU B 19 14.23 -2.81 -4.11
N THR B 20 14.24 -3.62 -3.06
CA THR B 20 13.98 -5.05 -3.21
C THR B 20 12.54 -5.29 -3.62
N THR B 21 11.63 -4.42 -3.17
CA THR B 21 10.22 -4.53 -3.55
C THR B 21 10.09 -4.33 -5.04
N LEU B 22 10.68 -3.25 -5.53
CA LEU B 22 10.61 -2.90 -6.94
C LEU B 22 11.28 -3.95 -7.82
N ILE B 23 12.42 -4.46 -7.37
CA ILE B 23 13.14 -5.48 -8.13
C ILE B 23 12.29 -6.75 -8.23
N GLN B 24 11.59 -7.08 -7.15
CA GLN B 24 10.75 -8.27 -7.11
C GLN B 24 9.54 -8.09 -8.03
N ASP B 25 8.99 -6.89 -8.05
CA ASP B 25 7.82 -6.58 -8.86
C ASP B 25 8.15 -6.67 -10.34
N ILE B 26 9.31 -6.12 -10.71
CA ILE B 26 9.74 -6.07 -12.09
C ILE B 26 10.09 -7.47 -12.60
N VAL B 27 10.78 -8.24 -11.77
CA VAL B 27 11.19 -9.58 -12.14
C VAL B 27 9.99 -10.53 -12.24
N ALA B 28 9.04 -10.36 -11.33
CA ALA B 28 7.89 -11.25 -11.26
C ALA B 28 6.96 -11.05 -12.46
N ARG B 29 6.87 -9.81 -12.93
CA ARG B 29 6.01 -9.51 -14.07
C ARG B 29 6.53 -10.19 -15.33
N GLU B 30 7.85 -10.24 -15.48
CA GLU B 30 8.46 -10.86 -16.64
C GLU B 30 8.44 -12.38 -16.51
N THR B 31 8.23 -12.85 -15.28
CA THR B 31 8.18 -14.29 -15.02
C THR B 31 6.74 -14.78 -14.94
N THR B 32 6.41 -15.72 -15.82
CA THR B 32 5.08 -16.37 -15.89
C THR B 32 4.39 -16.02 -17.19
N ILE C 12 22.70 -44.53 12.66
CA ILE C 12 22.85 -45.71 11.83
C ILE C 12 24.33 -45.91 11.46
N GLN C 13 25.13 -46.19 12.48
CA GLN C 13 26.58 -46.37 12.34
C GLN C 13 26.89 -47.39 11.23
N GLN C 14 28.03 -47.25 10.55
CA GLN C 14 29.06 -46.26 10.89
C GLN C 14 29.07 -45.07 9.94
N TYR C 15 29.24 -45.35 8.66
CA TYR C 15 29.47 -44.32 7.65
C TYR C 15 28.43 -44.54 6.56
N LEU C 16 27.37 -45.25 6.95
CA LEU C 16 26.27 -45.58 6.06
C LEU C 16 25.84 -44.39 5.21
N VAL C 17 25.77 -44.62 3.90
CA VAL C 17 25.25 -43.60 2.98
C VAL C 17 23.91 -43.06 3.48
N GLU C 18 23.87 -41.76 3.74
CA GLU C 18 22.67 -41.12 4.27
C GLU C 18 21.44 -41.55 3.47
N SER C 19 20.36 -41.86 4.19
CA SER C 19 19.13 -42.33 3.56
C SER C 19 18.41 -41.21 2.82
N GLY C 20 18.47 -40.00 3.36
CA GLY C 20 17.76 -38.88 2.80
C GLY C 20 18.60 -37.61 2.71
N ASN C 21 18.19 -36.71 1.81
CA ASN C 21 18.84 -35.42 1.64
C ASN C 21 17.82 -34.29 1.68
N TYR C 22 18.32 -33.05 1.62
CA TYR C 22 17.44 -31.88 1.71
C TYR C 22 16.42 -31.88 0.59
N GLU C 23 16.79 -32.42 -0.57
CA GLU C 23 15.92 -32.46 -1.73
C GLU C 23 14.81 -33.48 -1.55
N LEU C 24 15.12 -34.57 -0.84
CA LEU C 24 14.15 -35.63 -0.61
C LEU C 24 13.06 -35.14 0.34
N ILE C 25 13.48 -34.48 1.42
CA ILE C 25 12.54 -33.91 2.38
C ILE C 25 11.67 -32.87 1.69
N SER C 26 12.27 -32.10 0.79
CA SER C 26 11.56 -31.05 0.06
C SER C 26 10.53 -31.66 -0.89
N ASN C 27 10.83 -32.86 -1.39
CA ASN C 27 9.92 -33.56 -2.29
C ASN C 27 8.70 -34.10 -1.55
N GLU C 28 8.92 -34.55 -0.31
CA GLU C 28 7.86 -35.11 0.51
C GLU C 28 6.92 -34.01 1.00
N LEU C 29 7.49 -32.89 1.39
CA LEU C 29 6.70 -31.74 1.83
C LEU C 29 5.87 -31.22 0.65
N LYS C 30 6.50 -31.17 -0.52
CA LYS C 30 5.85 -30.69 -1.73
C LYS C 30 4.72 -31.62 -2.15
N ALA C 31 4.91 -32.92 -1.94
CA ALA C 31 3.94 -33.92 -2.33
C ALA C 31 2.71 -33.87 -1.43
N ARG C 32 2.94 -33.66 -0.14
CA ARG C 32 1.85 -33.55 0.83
C ARG C 32 0.96 -32.36 0.49
N LEU C 33 1.58 -31.22 0.18
CA LEU C 33 0.84 -30.02 -0.15
C LEU C 33 -0.03 -30.24 -1.38
N LEU C 34 0.50 -30.96 -2.36
CA LEU C 34 -0.22 -31.23 -3.60
C LEU C 34 -1.44 -32.12 -3.35
N GLN C 35 -1.29 -33.09 -2.46
CA GLN C 35 -2.38 -34.00 -2.13
C GLN C 35 -3.48 -33.28 -1.35
N GLU C 36 -3.08 -32.27 -0.60
CA GLU C 36 -4.04 -31.47 0.15
C GLU C 36 -4.74 -30.46 -0.76
N GLY C 37 -4.25 -30.36 -1.99
CA GLY C 37 -4.73 -29.34 -2.91
C GLY C 37 -4.33 -27.98 -2.38
N TRP C 38 -3.33 -27.97 -1.50
CA TRP C 38 -2.80 -26.74 -0.93
C TRP C 38 -2.27 -25.81 -2.02
N VAL C 39 -1.73 -26.39 -3.08
CA VAL C 39 -1.23 -25.61 -4.20
C VAL C 39 -2.40 -24.95 -4.93
N ASP C 40 -3.54 -25.61 -4.92
CA ASP C 40 -4.76 -25.06 -5.52
C ASP C 40 -5.38 -23.98 -4.64
N LYS C 41 -5.25 -24.14 -3.33
CA LYS C 41 -5.82 -23.18 -2.39
C LYS C 41 -5.02 -21.88 -2.38
N VAL C 42 -3.71 -22.00 -2.50
CA VAL C 42 -2.84 -20.83 -2.59
C VAL C 42 -2.99 -20.19 -3.95
N LYS C 43 -3.00 -21.02 -4.99
CA LYS C 43 -3.12 -20.53 -6.37
C LYS C 43 -4.45 -19.81 -6.58
N ASP C 44 -5.49 -20.31 -5.94
CA ASP C 44 -6.82 -19.72 -6.07
C ASP C 44 -6.92 -18.45 -5.25
N LEU C 45 -6.28 -18.47 -4.07
CA LEU C 45 -6.26 -17.31 -3.20
C LEU C 45 -5.50 -16.16 -3.87
N THR C 46 -4.56 -16.50 -4.74
CA THR C 46 -3.79 -15.49 -5.45
C THR C 46 -4.66 -14.85 -6.52
N LYS C 47 -5.34 -15.67 -7.30
CA LYS C 47 -6.23 -15.17 -8.35
C LYS C 47 -7.31 -14.26 -7.77
N SER C 48 -7.84 -14.63 -6.61
CA SER C 48 -8.93 -13.89 -5.98
C SER C 48 -8.41 -12.59 -5.36
N GLU C 49 -7.21 -12.64 -4.80
CA GLU C 49 -6.60 -11.46 -4.19
C GLU C 49 -6.17 -10.47 -5.26
N MET C 50 -5.80 -10.98 -6.42
CA MET C 50 -5.47 -10.14 -7.57
C MET C 50 -6.77 -9.53 -8.11
N ASN C 51 -7.88 -10.22 -7.85
CA ASN C 51 -9.18 -9.78 -8.33
C ASN C 51 -9.78 -8.73 -7.41
N ILE C 52 -9.59 -8.90 -6.11
CA ILE C 52 -10.08 -7.94 -5.13
C ILE C 52 -9.47 -6.58 -5.44
N ASN C 53 -8.14 -6.52 -5.51
CA ASN C 53 -7.45 -5.32 -5.92
C ASN C 53 -6.93 -5.48 -7.34
N GLU C 54 -7.43 -4.64 -8.24
CA GLU C 54 -7.09 -4.74 -9.67
C GLU C 54 -5.60 -5.01 -9.87
N SER C 55 -4.79 -4.49 -8.96
CA SER C 55 -3.35 -4.72 -9.01
C SER C 55 -3.04 -6.21 -9.10
N ASN C 57 0.63 -5.98 -8.87
CA ASN C 57 1.83 -5.88 -8.06
C ASN C 57 2.11 -7.19 -7.31
N PHE C 58 3.35 -7.66 -7.39
CA PHE C 58 3.73 -8.93 -6.80
C PHE C 58 3.81 -8.88 -5.27
N THR C 59 4.40 -7.81 -4.75
CA THR C 59 4.58 -7.65 -3.31
C THR C 59 3.27 -7.40 -2.57
N GLN C 60 2.40 -6.57 -3.16
CA GLN C 60 1.10 -6.28 -2.56
C GLN C 60 0.27 -7.55 -2.45
N ILE C 61 0.06 -8.21 -3.59
CA ILE C 61 -0.72 -9.44 -3.65
C ILE C 61 -0.07 -10.53 -2.80
N LEU C 62 1.25 -10.60 -2.85
CA LEU C 62 2.00 -11.60 -2.09
C LEU C 62 1.83 -11.43 -0.58
N SER C 63 1.71 -10.19 -0.14
CA SER C 63 1.63 -9.89 1.28
C SER C 63 0.36 -10.47 1.89
N THR C 64 -0.72 -10.47 1.11
CA THR C 64 -2.00 -10.97 1.58
C THR C 64 -2.03 -12.50 1.55
N VAL C 65 -1.33 -13.08 0.59
CA VAL C 65 -1.41 -14.53 0.35
C VAL C 65 -0.48 -15.33 1.26
N GLU C 66 0.69 -14.79 1.56
CA GLU C 66 1.71 -15.56 2.27
C GLU C 66 1.35 -15.88 3.72
N PRO C 67 0.92 -14.86 4.48
CA PRO C 67 0.60 -15.10 5.90
C PRO C 67 -0.45 -16.19 6.10
N LYS C 68 -1.52 -16.14 5.33
CA LYS C 68 -2.59 -17.13 5.47
C LYS C 68 -2.17 -18.49 4.92
N ALA C 69 -1.43 -18.47 3.82
CA ALA C 69 -0.96 -19.70 3.19
C ALA C 69 -0.08 -20.49 4.15
N LEU C 70 0.75 -19.78 4.91
CA LEU C 70 1.60 -20.40 5.92
C LEU C 70 0.72 -21.00 7.01
N GLU C 71 -0.30 -20.26 7.41
CA GLU C 71 -1.23 -20.71 8.44
C GLU C 71 -2.01 -21.96 8.02
N MET C 72 -2.26 -22.09 6.73
CA MET C 72 -3.14 -23.13 6.21
C MET C 72 -2.58 -24.54 6.36
N VAL C 73 -1.26 -24.68 6.35
CA VAL C 73 -0.64 -26.00 6.35
C VAL C 73 -1.17 -26.83 7.51
N SER C 74 -1.72 -27.99 7.20
CA SER C 74 -2.31 -28.86 8.21
C SER C 74 -1.27 -29.21 9.26
N ASP C 75 -1.73 -29.66 10.42
CA ASP C 75 -0.83 -30.06 11.49
C ASP C 75 -0.10 -31.35 11.14
N SER C 76 -0.81 -32.28 10.49
CA SER C 76 -0.18 -33.51 10.03
C SER C 76 1.00 -33.18 9.14
N THR C 77 0.72 -32.53 8.03
CA THR C 77 1.75 -32.16 7.05
C THR C 77 2.90 -31.40 7.70
N ARG C 78 2.57 -30.38 8.48
CA ARG C 78 3.58 -29.50 9.08
C ARG C 78 4.44 -30.24 10.11
N GLU C 79 3.83 -31.21 10.79
CA GLU C 79 4.49 -31.92 11.89
C GLU C 79 5.39 -33.05 11.38
N THR C 80 5.01 -33.65 10.27
CA THR C 80 5.77 -34.77 9.71
C THR C 80 7.07 -34.25 9.11
N VAL C 81 7.01 -33.08 8.48
CA VAL C 81 8.18 -32.51 7.82
C VAL C 81 9.11 -31.83 8.83
N LEU C 82 8.53 -31.31 9.91
CA LEU C 82 9.34 -30.73 10.98
C LEU C 82 10.18 -31.82 11.61
N LYS C 83 9.58 -33.00 11.76
CA LYS C 83 10.28 -34.15 12.28
C LYS C 83 11.40 -34.58 11.33
N GLN C 84 11.12 -34.54 10.04
CA GLN C 84 12.07 -35.01 9.05
C GLN C 84 13.28 -34.08 8.93
N ILE C 85 13.04 -32.78 9.09
CA ILE C 85 14.11 -31.79 9.03
C ILE C 85 14.96 -31.85 10.28
N ARG C 86 14.29 -31.79 11.44
CA ARG C 86 14.95 -31.90 12.74
C ARG C 86 15.79 -33.16 12.80
N GLU C 87 15.18 -34.28 12.44
CA GLU C 87 15.88 -35.55 12.38
C GLU C 87 16.90 -35.57 11.25
N PHE C 88 16.77 -34.61 10.33
CA PHE C 88 17.75 -34.44 9.25
C PHE C 88 18.75 -33.31 9.53
N LEU C 89 18.77 -32.80 10.75
CA LEU C 89 19.77 -31.78 11.12
C LEU C 89 20.84 -32.34 12.05
N GLU C 90 20.47 -33.31 12.88
CA GLU C 90 21.43 -33.97 13.76
C GLU C 90 22.48 -34.75 12.96
N GLU C 91 22.03 -35.78 12.24
CA GLU C 91 22.91 -36.58 11.39
C GLU C 91 24.00 -35.78 10.68
N ILE C 92 23.72 -34.52 10.33
CA ILE C 92 24.65 -33.73 9.54
C ILE C 92 25.88 -33.35 10.36
N VAL C 93 25.66 -32.95 11.60
CA VAL C 93 26.71 -32.46 12.47
C VAL C 93 27.82 -33.50 12.65
N ASP C 94 27.44 -34.77 12.74
CA ASP C 94 28.42 -35.84 12.95
C ASP C 94 29.16 -36.15 11.66
N THR C 95 30.42 -35.71 11.59
CA THR C 95 31.28 -35.93 10.44
C THR C 95 30.63 -36.78 9.35
N THR D 4 24.69 -27.27 18.33
CA THR D 4 24.76 -25.83 18.50
C THR D 4 23.41 -25.29 18.99
N ILE D 5 22.91 -24.24 18.32
CA ILE D 5 21.63 -23.67 18.69
C ILE D 5 20.53 -24.72 18.58
N THR D 6 19.50 -24.58 19.41
CA THR D 6 18.40 -25.54 19.43
C THR D 6 17.94 -25.81 18.01
N ILE D 7 17.96 -27.09 17.61
CA ILE D 7 17.58 -27.48 16.27
C ILE D 7 16.19 -26.98 15.91
N ASP D 8 15.33 -26.79 16.89
CA ASP D 8 13.99 -26.25 16.62
C ASP D 8 14.11 -24.90 15.93
N SER D 9 15.03 -24.07 16.41
CA SER D 9 15.31 -22.78 15.79
C SER D 9 15.73 -22.91 14.32
N ILE D 10 16.60 -23.88 14.04
CA ILE D 10 17.15 -24.05 12.70
C ILE D 10 16.15 -24.75 11.77
N SER D 11 15.61 -25.88 12.24
CA SER D 11 14.62 -26.66 11.49
C SER D 11 13.36 -25.85 11.21
N ASN D 12 12.95 -25.03 12.17
CA ASN D 12 11.80 -24.14 11.97
C ASN D 12 12.08 -23.18 10.82
N GLY D 13 13.31 -22.68 10.77
CA GLY D 13 13.73 -21.77 9.73
C GLY D 13 13.74 -22.43 8.37
N ILE D 14 14.07 -23.72 8.34
CA ILE D 14 14.11 -24.47 7.09
C ILE D 14 12.71 -24.71 6.56
N LEU D 15 11.79 -25.05 7.46
CA LEU D 15 10.42 -25.31 7.07
C LEU D 15 9.78 -24.02 6.57
N ASN D 16 10.03 -22.93 7.26
CA ASN D 16 9.51 -21.62 6.87
C ASN D 16 10.07 -21.22 5.52
N ASN D 17 11.32 -21.60 5.28
CA ASN D 17 11.99 -21.32 4.01
C ASN D 17 11.36 -22.11 2.88
N LEU D 18 11.10 -23.39 3.12
CA LEU D 18 10.53 -24.26 2.10
C LEU D 18 9.13 -23.77 1.70
N LEU D 19 8.30 -23.49 2.70
CA LEU D 19 6.95 -23.02 2.47
C LEU D 19 6.94 -21.71 1.70
N THR D 20 7.76 -20.76 2.14
CA THR D 20 7.76 -19.42 1.57
C THR D 20 8.22 -19.42 0.12
N THR D 21 9.26 -20.17 -0.21
CA THR D 21 9.76 -20.21 -1.58
C THR D 21 8.64 -20.67 -2.50
N LEU D 22 7.85 -21.63 -2.03
CA LEU D 22 6.73 -22.15 -2.81
C LEU D 22 5.65 -21.10 -2.98
N ILE D 23 5.40 -20.33 -1.94
CA ILE D 23 4.34 -19.31 -1.95
C ILE D 23 4.69 -18.18 -2.92
N GLN D 24 5.94 -17.75 -2.92
CA GLN D 24 6.38 -16.66 -3.80
C GLN D 24 6.28 -17.11 -5.24
N ASP D 25 6.64 -18.37 -5.48
CA ASP D 25 6.66 -18.92 -6.83
C ASP D 25 5.25 -19.04 -7.41
N ILE D 26 4.28 -19.36 -6.55
CA ILE D 26 2.89 -19.47 -6.97
C ILE D 26 2.34 -18.09 -7.33
N VAL D 27 2.63 -17.10 -6.49
CA VAL D 27 2.20 -15.73 -6.73
C VAL D 27 2.92 -15.17 -7.95
N ALA D 28 4.13 -15.65 -8.19
CA ALA D 28 4.93 -15.20 -9.32
C ALA D 28 4.39 -15.82 -10.60
N ARG D 29 3.88 -17.04 -10.49
CA ARG D 29 3.31 -17.72 -11.64
C ARG D 29 1.85 -17.33 -11.84
N GLU D 30 1.36 -16.46 -10.95
CA GLU D 30 0.00 -15.93 -11.08
C GLU D 30 0.03 -14.54 -11.70
N THR D 31 1.13 -13.82 -11.49
CA THR D 31 1.24 -12.45 -11.94
C THR D 31 2.04 -12.35 -13.25
N GLN E 13 -20.45 51.62 8.05
CA GLN E 13 -21.75 52.06 7.58
C GLN E 13 -22.56 50.89 7.06
N GLN E 14 -23.49 51.16 6.14
CA GLN E 14 -24.36 50.12 5.62
C GLN E 14 -23.97 49.60 4.25
N TYR E 15 -24.77 48.65 3.78
CA TYR E 15 -24.67 48.11 2.44
C TYR E 15 -25.99 48.40 1.74
N LEU E 16 -25.92 48.76 0.47
CA LEU E 16 -27.11 48.80 -0.36
C LEU E 16 -27.36 47.37 -0.76
N VAL E 17 -26.31 46.74 -1.25
CA VAL E 17 -26.24 45.30 -1.42
C VAL E 17 -24.88 44.86 -0.90
N GLU E 18 -24.71 43.57 -0.69
CA GLU E 18 -23.49 43.06 -0.08
C GLU E 18 -22.28 43.29 -0.99
N SER E 19 -21.19 43.78 -0.40
CA SER E 19 -20.02 44.20 -1.15
C SER E 19 -19.30 43.05 -1.84
N GLY E 20 -19.15 41.93 -1.14
CA GLY E 20 -18.44 40.79 -1.68
C GLY E 20 -19.26 39.52 -1.67
N ASN E 21 -18.88 38.57 -2.52
CA ASN E 21 -19.60 37.30 -2.60
C ASN E 21 -18.64 36.11 -2.64
N TYR E 22 -18.98 35.06 -1.91
CA TYR E 22 -18.17 33.85 -1.87
C TYR E 22 -18.05 33.23 -3.27
N GLU E 23 -19.17 33.14 -3.97
CA GLU E 23 -19.22 32.52 -5.29
C GLU E 23 -18.29 33.21 -6.29
N LEU E 24 -18.23 34.54 -6.22
CA LEU E 24 -17.35 35.30 -7.10
C LEU E 24 -15.89 35.02 -6.79
N ILE E 25 -15.59 34.76 -5.51
CA ILE E 25 -14.24 34.46 -5.08
C ILE E 25 -13.83 33.05 -5.54
N SER E 26 -14.80 32.14 -5.51
CA SER E 26 -14.56 30.77 -5.93
C SER E 26 -14.25 30.71 -7.42
N ASN E 27 -15.15 31.28 -8.22
CA ASN E 27 -14.97 31.33 -9.66
C ASN E 27 -13.70 32.10 -10.04
N GLU E 28 -13.38 33.12 -9.24
CA GLU E 28 -12.21 33.95 -9.50
C GLU E 28 -10.93 33.15 -9.26
N LEU E 29 -10.96 32.29 -8.24
CA LEU E 29 -9.81 31.47 -7.90
C LEU E 29 -9.51 30.48 -9.02
N LYS E 30 -10.55 29.98 -9.68
CA LYS E 30 -10.38 29.03 -10.77
C LYS E 30 -9.72 29.72 -11.97
N ALA E 31 -10.09 30.96 -12.21
CA ALA E 31 -9.58 31.72 -13.34
C ALA E 31 -8.09 32.04 -13.17
N ARG E 32 -7.70 32.38 -11.95
CA ARG E 32 -6.31 32.74 -11.68
C ARG E 32 -5.41 31.51 -11.71
N LEU E 33 -5.94 30.38 -11.30
CA LEU E 33 -5.19 29.13 -11.31
C LEU E 33 -5.01 28.63 -12.74
N LEU E 34 -6.08 28.76 -13.53
CA LEU E 34 -6.04 28.40 -14.95
C LEU E 34 -5.06 29.29 -15.68
N GLN E 35 -5.03 30.56 -15.30
CA GLN E 35 -4.22 31.57 -15.97
C GLN E 35 -2.74 31.42 -15.62
N GLU E 36 -2.47 31.06 -14.37
CA GLU E 36 -1.10 30.88 -13.92
C GLU E 36 -0.57 29.49 -14.31
N GLY E 37 -1.45 28.66 -14.85
CA GLY E 37 -1.06 27.35 -15.34
C GLY E 37 -1.03 26.29 -14.25
N TRP E 38 -1.48 26.66 -13.07
CA TRP E 38 -1.50 25.74 -11.93
C TRP E 38 -2.46 24.58 -12.16
N VAL E 39 -3.62 24.87 -12.73
CA VAL E 39 -4.63 23.84 -12.97
C VAL E 39 -4.10 22.76 -13.91
N ASP E 40 -3.42 23.19 -14.97
CA ASP E 40 -2.91 22.27 -15.98
C ASP E 40 -1.82 21.37 -15.38
N LYS E 41 -1.08 21.91 -14.42
CA LYS E 41 -0.04 21.12 -13.75
C LYS E 41 -0.65 19.96 -12.99
N VAL E 42 -1.80 20.19 -12.35
CA VAL E 42 -2.46 19.17 -11.54
C VAL E 42 -2.90 18.00 -12.40
N LYS E 43 -3.46 18.29 -13.57
CA LYS E 43 -3.95 17.25 -14.46
C LYS E 43 -2.81 16.33 -14.89
N ASP E 44 -1.73 16.94 -15.38
CA ASP E 44 -0.58 16.18 -15.87
C ASP E 44 0.17 15.49 -14.74
N LEU E 45 0.09 16.05 -13.54
CA LEU E 45 0.73 15.47 -12.37
C LEU E 45 -0.02 14.21 -11.96
N THR E 46 -1.30 14.16 -12.28
CA THR E 46 -2.11 12.98 -11.98
C THR E 46 -1.82 11.89 -13.01
N LYS E 47 -1.65 12.29 -14.26
CA LYS E 47 -1.31 11.35 -15.32
C LYS E 47 0.01 10.65 -14.99
N SER E 48 1.01 11.44 -14.65
CA SER E 48 2.34 10.93 -14.33
C SER E 48 2.29 9.98 -13.14
N GLU E 49 1.45 10.33 -12.17
CA GLU E 49 1.35 9.55 -10.94
C GLU E 49 0.84 8.14 -11.22
N MET E 50 0.00 8.00 -12.24
CA MET E 50 -0.59 6.71 -12.58
C MET E 50 0.44 5.76 -13.19
N ASN E 51 1.44 6.32 -13.87
CA ASN E 51 2.51 5.51 -14.45
C ASN E 51 3.49 5.04 -13.39
N ILE E 52 3.98 5.97 -12.57
CA ILE E 52 4.78 5.61 -11.42
C ILE E 52 4.11 4.48 -10.66
N ASN E 53 2.83 4.70 -10.33
CA ASN E 53 2.01 3.68 -9.69
C ASN E 53 1.73 2.57 -10.70
N GLU E 54 1.61 1.34 -10.21
CA GLU E 54 1.38 0.20 -11.10
C GLU E 54 -0.08 -0.20 -11.11
N THR E 56 -3.98 1.61 -9.30
CA THR E 56 -4.79 2.45 -10.15
C THR E 56 -6.05 2.91 -9.43
N ASN E 57 -5.97 2.96 -8.10
CA ASN E 57 -7.10 3.37 -7.28
C ASN E 57 -7.12 4.89 -7.11
N PHE E 58 -8.32 5.48 -7.22
CA PHE E 58 -8.46 6.93 -7.20
C PHE E 58 -7.95 7.58 -5.91
N THR E 59 -8.43 7.09 -4.76
CA THR E 59 -8.09 7.71 -3.48
C THR E 59 -6.59 7.55 -3.19
N GLN E 60 -6.01 6.47 -3.70
CA GLN E 60 -4.59 6.20 -3.50
C GLN E 60 -3.73 7.15 -4.34
N ILE E 61 -4.27 7.57 -5.49
CA ILE E 61 -3.59 8.51 -6.37
C ILE E 61 -3.66 9.92 -5.80
N LEU E 62 -4.76 10.22 -5.12
CA LEU E 62 -4.97 11.57 -4.58
C LEU E 62 -4.02 11.87 -3.42
N SER E 63 -3.57 10.84 -2.72
CA SER E 63 -2.67 11.04 -1.58
C SER E 63 -1.32 11.56 -2.03
N THR E 64 -0.84 11.06 -3.16
CA THR E 64 0.45 11.47 -3.70
C THR E 64 0.32 12.80 -4.44
N VAL E 65 -0.73 12.93 -5.24
CA VAL E 65 -0.91 14.10 -6.10
C VAL E 65 -1.26 15.36 -5.32
N GLU E 66 -2.08 15.22 -4.28
CA GLU E 66 -2.66 16.36 -3.60
C GLU E 66 -1.64 17.26 -2.91
N PRO E 67 -0.70 16.66 -2.14
CA PRO E 67 0.30 17.46 -1.45
C PRO E 67 1.04 18.40 -2.40
N LYS E 68 1.37 17.90 -3.58
CA LYS E 68 2.08 18.70 -4.57
C LYS E 68 1.18 19.81 -5.10
N ALA E 69 -0.07 19.48 -5.41
CA ALA E 69 -1.01 20.44 -5.95
C ALA E 69 -1.13 21.65 -5.04
N LEU E 70 -1.31 21.41 -3.75
CA LEU E 70 -1.42 22.49 -2.78
C LEU E 70 -0.17 23.35 -2.79
N GLU E 71 0.99 22.73 -3.00
CA GLU E 71 2.25 23.44 -3.03
C GLU E 71 2.38 24.35 -4.25
N MET E 72 1.82 23.91 -5.37
CA MET E 72 2.03 24.58 -6.66
C MET E 72 1.38 25.96 -6.74
N VAL E 73 0.29 26.16 -6.00
CA VAL E 73 -0.43 27.44 -6.04
C VAL E 73 0.52 28.57 -5.72
N SER E 74 0.53 29.59 -6.57
CA SER E 74 1.46 30.70 -6.43
C SER E 74 1.19 31.48 -5.14
N ASP E 75 2.25 31.92 -4.48
CA ASP E 75 2.12 32.68 -3.24
C ASP E 75 1.40 34.01 -3.47
N SER E 76 1.64 34.61 -4.63
CA SER E 76 0.98 35.86 -4.97
C SER E 76 -0.54 35.66 -5.03
N THR E 77 -0.95 34.52 -5.61
CA THR E 77 -2.37 34.20 -5.72
C THR E 77 -3.00 34.02 -4.35
N ARG E 78 -2.24 33.45 -3.42
CA ARG E 78 -2.74 33.22 -2.06
C ARG E 78 -3.02 34.54 -1.34
N GLU E 79 -2.21 35.56 -1.64
CA GLU E 79 -2.40 36.87 -1.03
C GLU E 79 -3.64 37.56 -1.60
N THR E 80 -3.89 37.33 -2.89
CA THR E 80 -5.04 37.94 -3.56
C THR E 80 -6.34 37.30 -3.12
N VAL E 81 -6.37 35.98 -3.08
CA VAL E 81 -7.57 35.23 -2.73
C VAL E 81 -7.87 35.32 -1.24
N LEU E 82 -6.86 35.10 -0.41
CA LEU E 82 -7.04 35.20 1.04
C LEU E 82 -7.65 36.53 1.41
N LYS E 83 -7.09 37.61 0.89
CA LYS E 83 -7.59 38.96 1.18
C LYS E 83 -9.09 39.03 0.94
N GLN E 84 -9.56 38.39 -0.13
CA GLN E 84 -10.96 38.42 -0.50
C GLN E 84 -11.84 37.53 0.38
N ILE E 85 -11.24 36.48 0.94
CA ILE E 85 -11.98 35.57 1.82
C ILE E 85 -12.20 36.21 3.19
N ARG E 86 -11.16 36.83 3.74
CA ARG E 86 -11.28 37.48 5.04
C ARG E 86 -12.03 38.80 4.91
N GLU E 87 -11.92 39.45 3.76
CA GLU E 87 -12.70 40.66 3.51
C GLU E 87 -14.17 40.33 3.41
N PHE E 88 -14.49 39.31 2.61
CA PHE E 88 -15.85 38.80 2.50
C PHE E 88 -16.39 38.41 3.87
N LEU E 89 -15.56 37.75 4.66
CA LEU E 89 -15.91 37.41 6.04
C LEU E 89 -15.97 38.66 6.90
N GLU E 90 -15.20 39.68 6.52
CA GLU E 90 -15.12 40.92 7.29
C GLU E 90 -16.26 41.88 6.96
N GLU E 91 -16.95 41.63 5.85
CA GLU E 91 -18.09 42.46 5.48
C GLU E 91 -19.18 42.28 6.54
N ILE E 92 -19.05 41.23 7.34
CA ILE E 92 -20.03 40.87 8.35
C ILE E 92 -19.57 41.32 9.73
N ILE F 10 -10.63 29.48 9.48
CA ILE F 10 -10.42 30.87 9.09
C ILE F 10 -10.50 31.01 7.58
N SER F 11 -10.53 32.25 7.10
CA SER F 11 -10.41 32.53 5.67
C SER F 11 -9.38 31.63 5.02
N ASN F 12 -8.28 31.38 5.74
CA ASN F 12 -7.23 30.50 5.24
C ASN F 12 -7.77 29.08 5.05
N GLY F 13 -8.48 28.58 6.06
CA GLY F 13 -9.15 27.31 5.95
C GLY F 13 -9.98 27.21 4.69
N ILE F 14 -10.93 28.13 4.55
CA ILE F 14 -11.81 28.16 3.38
C ILE F 14 -11.04 28.01 2.08
N LEU F 15 -10.00 28.83 1.91
CA LEU F 15 -9.18 28.77 0.71
C LEU F 15 -8.70 27.35 0.47
N ASN F 16 -8.20 26.72 1.52
CA ASN F 16 -7.73 25.33 1.42
C ASN F 16 -8.81 24.43 0.84
N ASN F 17 -10.04 24.58 1.33
CA ASN F 17 -11.16 23.78 0.85
C ASN F 17 -11.32 23.91 -0.66
N LEU F 18 -11.39 25.15 -1.13
CA LEU F 18 -11.54 25.41 -2.56
C LEU F 18 -10.47 24.69 -3.37
N LEU F 19 -9.24 24.69 -2.86
CA LEU F 19 -8.11 24.09 -3.56
C LEU F 19 -8.19 22.56 -3.55
N THR F 20 -8.51 21.99 -2.40
CA THR F 20 -8.61 20.53 -2.28
C THR F 20 -9.78 20.01 -3.12
N THR F 21 -10.95 20.65 -2.95
CA THR F 21 -12.14 20.28 -3.70
C THR F 21 -11.89 20.45 -5.20
N LEU F 22 -11.10 21.46 -5.54
CA LEU F 22 -10.77 21.76 -6.93
C LEU F 22 -9.85 20.68 -7.48
N ILE F 23 -8.98 20.15 -6.62
CA ILE F 23 -8.03 19.11 -7.00
C ILE F 23 -8.75 17.79 -7.24
N GLN F 24 -9.76 17.51 -6.43
CA GLN F 24 -10.47 16.23 -6.46
C GLN F 24 -11.18 16.01 -7.79
N ASP F 25 -11.79 17.07 -8.31
CA ASP F 25 -12.53 16.98 -9.57
C ASP F 25 -11.58 16.63 -10.72
N ILE F 26 -10.42 17.26 -10.73
CA ILE F 26 -9.42 16.99 -11.77
C ILE F 26 -8.90 15.57 -11.70
N VAL F 27 -8.64 15.09 -10.48
CA VAL F 27 -8.10 13.76 -10.27
C VAL F 27 -9.14 12.69 -10.61
N ALA F 28 -10.41 13.02 -10.38
CA ALA F 28 -11.49 12.09 -10.67
C ALA F 28 -11.63 11.89 -12.18
N ARG F 29 -11.44 12.98 -12.93
CA ARG F 29 -11.48 12.90 -14.39
C ARG F 29 -10.37 12.02 -14.91
N GLU F 30 -9.17 12.19 -14.33
CA GLU F 30 -8.01 11.43 -14.74
C GLU F 30 -8.22 9.94 -14.46
N THR F 31 -8.88 9.65 -13.35
CA THR F 31 -9.11 8.27 -12.94
C THR F 31 -9.92 7.51 -13.98
N THR F 32 -9.26 6.54 -14.61
CA THR F 32 -9.92 5.67 -15.60
C THR F 32 -11.04 6.38 -16.34
N ALA G 6 17.47 8.69 21.26
CA ALA G 6 16.95 8.07 20.05
C ALA G 6 17.16 6.57 20.06
N GLN G 7 18.35 6.13 19.65
CA GLN G 7 18.68 4.71 19.56
C GLN G 7 17.93 3.88 20.59
N LEU G 8 17.42 2.72 20.18
CA LEU G 8 17.61 2.22 18.83
C LEU G 8 16.74 2.96 17.81
N LYS G 9 15.62 3.51 18.26
CA LYS G 9 14.61 4.05 17.35
C LYS G 9 14.36 3.06 16.22
N SER G 10 14.63 1.79 16.47
CA SER G 10 14.42 0.75 15.49
C SER G 10 12.94 0.36 15.51
N GLN G 11 12.13 1.16 16.20
CA GLN G 11 10.71 0.90 16.25
C GLN G 11 10.06 1.20 14.91
N ILE G 12 10.69 2.02 14.07
CA ILE G 12 10.24 2.23 12.71
C ILE G 12 9.90 0.87 12.13
N GLN G 13 10.68 -0.10 12.55
CA GLN G 13 10.52 -1.50 12.20
C GLN G 13 9.12 -1.99 12.60
N GLN G 14 8.72 -1.65 13.82
CA GLN G 14 7.38 -1.95 14.34
C GLN G 14 6.25 -1.30 13.52
N TYR G 15 6.56 -0.19 12.84
CA TYR G 15 5.56 0.52 12.06
C TYR G 15 5.22 -0.27 10.80
N LEU G 16 6.11 -1.19 10.44
CA LEU G 16 5.90 -2.07 9.29
C LEU G 16 4.82 -3.08 9.60
N VAL G 17 4.68 -3.43 10.88
CA VAL G 17 3.64 -4.35 11.32
C VAL G 17 2.29 -3.64 11.28
N GLU G 18 2.27 -2.38 11.70
CA GLU G 18 1.06 -1.57 11.66
C GLU G 18 0.65 -1.33 10.22
N SER G 19 1.64 -1.20 9.34
CA SER G 19 1.39 -1.04 7.92
C SER G 19 0.86 -2.35 7.36
N GLY G 20 1.32 -3.45 7.94
CA GLY G 20 0.87 -4.77 7.56
C GLY G 20 -0.34 -5.19 8.37
N ASN G 21 -0.96 -4.21 9.04
CA ASN G 21 -2.19 -4.44 9.78
C ASN G 21 -3.39 -3.78 9.09
N TYR G 22 -3.19 -2.56 8.60
CA TYR G 22 -4.23 -1.89 7.83
C TYR G 22 -4.82 -2.94 6.90
N GLU G 23 -3.97 -3.50 6.04
CA GLU G 23 -4.25 -4.77 5.38
C GLU G 23 -3.59 -5.82 6.26
N LEU G 24 -4.12 -7.04 6.34
CA LEU G 24 -5.23 -7.52 5.51
C LEU G 24 -6.57 -6.83 5.77
N ILE G 25 -6.70 -6.13 6.89
CA ILE G 25 -8.00 -5.57 7.29
C ILE G 25 -8.61 -4.65 6.24
N SER G 26 -7.77 -4.00 5.44
CA SER G 26 -8.25 -3.12 4.38
C SER G 26 -8.67 -3.99 3.22
N ASN G 27 -7.93 -5.09 3.06
CA ASN G 27 -8.21 -6.08 2.04
C ASN G 27 -9.38 -6.99 2.42
N GLU G 28 -9.71 -7.03 3.70
CA GLU G 28 -10.77 -7.90 4.19
C GLU G 28 -12.11 -7.21 4.04
N LEU G 29 -12.12 -5.91 4.30
CA LEU G 29 -13.33 -5.11 4.14
C LEU G 29 -13.77 -5.12 2.68
N LYS G 30 -12.80 -4.96 1.78
CA LYS G 30 -13.09 -4.95 0.35
C LYS G 30 -13.50 -6.32 -0.14
N ALA G 31 -12.86 -7.36 0.40
CA ALA G 31 -13.16 -8.73 0.02
C ALA G 31 -14.59 -9.09 0.39
N ARG G 32 -14.94 -8.83 1.64
CA ARG G 32 -16.28 -9.13 2.15
C ARG G 32 -17.35 -8.45 1.32
N LEU G 33 -17.17 -7.15 1.08
CA LEU G 33 -18.18 -6.37 0.37
C LEU G 33 -18.44 -6.89 -1.05
N LEU G 34 -17.39 -7.36 -1.72
CA LEU G 34 -17.53 -7.87 -3.08
C LEU G 34 -18.41 -9.12 -3.10
N GLN G 35 -18.20 -10.00 -2.12
CA GLN G 35 -19.05 -11.16 -1.95
C GLN G 35 -20.49 -10.72 -1.69
N GLU G 36 -20.62 -9.69 -0.86
CA GLU G 36 -21.92 -9.14 -0.51
C GLU G 36 -22.61 -8.55 -1.73
N GLY G 37 -21.82 -8.11 -2.70
CA GLY G 37 -22.33 -7.35 -3.82
C GLY G 37 -22.62 -5.93 -3.37
N TRP G 38 -22.16 -5.58 -2.18
CA TRP G 38 -22.30 -4.22 -1.66
C TRP G 38 -21.62 -3.24 -2.59
N VAL G 39 -20.50 -3.66 -3.17
CA VAL G 39 -19.78 -2.83 -4.12
C VAL G 39 -20.65 -2.57 -5.34
N ASP G 40 -21.41 -3.58 -5.72
CA ASP G 40 -22.38 -3.45 -6.81
C ASP G 40 -23.41 -2.39 -6.45
N LYS G 41 -24.15 -2.62 -5.38
CA LYS G 41 -25.21 -1.71 -4.94
C LYS G 41 -24.75 -0.26 -4.90
N VAL G 42 -23.55 -0.02 -4.37
CA VAL G 42 -23.03 1.34 -4.31
C VAL G 42 -22.83 1.86 -5.72
N LYS G 43 -22.18 1.06 -6.56
CA LYS G 43 -21.93 1.43 -7.95
C LYS G 43 -23.23 1.68 -8.71
N ASP G 44 -24.26 0.90 -8.39
CA ASP G 44 -25.56 1.03 -9.02
C ASP G 44 -26.26 2.28 -8.52
N LEU G 45 -25.96 2.63 -7.27
CA LEU G 45 -26.53 3.81 -6.64
C LEU G 45 -25.87 5.06 -7.19
N THR G 46 -24.62 4.94 -7.64
CA THR G 46 -23.90 6.07 -8.18
C THR G 46 -24.43 6.42 -9.56
N LYS G 47 -24.80 5.40 -10.32
CA LYS G 47 -25.34 5.60 -11.67
C LYS G 47 -26.66 6.34 -11.57
N SER G 48 -27.47 5.99 -10.57
CA SER G 48 -28.80 6.56 -10.42
C SER G 48 -28.74 8.03 -10.01
N GLU G 49 -27.63 8.43 -9.41
CA GLU G 49 -27.44 9.83 -9.01
C GLU G 49 -27.01 10.68 -10.21
N MET G 50 -26.34 10.05 -11.16
CA MET G 50 -25.87 10.75 -12.36
C MET G 50 -26.94 10.79 -13.44
N ASN G 51 -27.94 9.92 -13.32
CA ASN G 51 -29.04 9.88 -14.29
C ASN G 51 -30.24 10.67 -13.79
N ILE G 52 -30.50 10.60 -12.49
CA ILE G 52 -31.58 11.37 -11.89
C ILE G 52 -31.27 12.85 -11.98
N ASN G 53 -30.04 13.20 -11.67
CA ASN G 53 -29.53 14.55 -11.91
C ASN G 53 -28.69 14.51 -13.18
N GLU G 54 -28.82 15.52 -14.02
CA GLU G 54 -27.98 15.60 -15.22
C GLU G 54 -26.61 16.13 -14.83
N SER G 55 -25.92 15.38 -13.97
CA SER G 55 -24.65 15.80 -13.42
C SER G 55 -23.68 14.62 -13.40
N THR G 56 -22.51 14.82 -13.98
CA THR G 56 -21.51 13.77 -14.05
C THR G 56 -20.37 14.05 -13.05
N ASN G 57 -20.45 15.21 -12.41
CA ASN G 57 -19.42 15.65 -11.47
C ASN G 57 -19.22 14.68 -10.31
N PHE G 58 -17.95 14.41 -9.99
CA PHE G 58 -17.59 13.48 -8.93
C PHE G 58 -18.00 13.98 -7.55
N THR G 59 -17.49 15.16 -7.17
CA THR G 59 -17.72 15.71 -5.84
C THR G 59 -19.20 15.78 -5.47
N GLN G 60 -20.05 16.20 -6.42
CA GLN G 60 -21.47 16.37 -6.14
C GLN G 60 -22.14 15.03 -5.89
N ILE G 61 -21.85 14.05 -6.73
CA ILE G 61 -22.47 12.73 -6.63
C ILE G 61 -22.07 12.03 -5.34
N LEU G 62 -20.87 12.34 -4.84
CA LEU G 62 -20.36 11.71 -3.63
C LEU G 62 -21.13 12.18 -2.40
N SER G 63 -21.61 13.41 -2.43
CA SER G 63 -22.37 13.96 -1.32
C SER G 63 -23.69 13.20 -1.12
N THR G 64 -24.32 12.81 -2.23
CA THR G 64 -25.60 12.12 -2.17
C THR G 64 -25.41 10.62 -1.95
N VAL G 65 -24.38 10.05 -2.56
CA VAL G 65 -24.16 8.61 -2.55
C VAL G 65 -23.55 8.13 -1.24
N GLU G 66 -22.61 8.90 -0.70
CA GLU G 66 -21.82 8.46 0.45
C GLU G 66 -22.68 8.13 1.66
N PRO G 67 -23.57 9.05 2.06
CA PRO G 67 -24.47 8.75 3.19
C PRO G 67 -25.18 7.41 3.02
N LYS G 68 -25.71 7.17 1.82
CA LYS G 68 -26.43 5.94 1.53
C LYS G 68 -25.51 4.73 1.55
N ALA G 69 -24.30 4.90 1.03
CA ALA G 69 -23.37 3.79 0.86
C ALA G 69 -22.91 3.25 2.21
N LEU G 70 -22.64 4.14 3.14
CA LEU G 70 -22.26 3.74 4.50
C LEU G 70 -23.37 2.91 5.10
N GLU G 71 -24.60 3.41 4.98
CA GLU G 71 -25.78 2.72 5.52
C GLU G 71 -25.88 1.28 5.02
N MET G 72 -25.58 1.08 3.75
CA MET G 72 -25.83 -0.22 3.10
C MET G 72 -25.05 -1.38 3.71
N VAL G 73 -23.85 -1.11 4.23
CA VAL G 73 -23.04 -2.16 4.82
C VAL G 73 -23.82 -2.87 5.92
N SER G 74 -23.75 -4.20 5.92
CA SER G 74 -24.50 -4.99 6.89
C SER G 74 -23.88 -4.85 8.27
N ASP G 75 -24.70 -5.04 9.29
CA ASP G 75 -24.21 -5.02 10.66
C ASP G 75 -23.18 -6.13 10.85
N SER G 76 -23.55 -7.35 10.46
CA SER G 76 -22.67 -8.51 10.59
C SER G 76 -21.26 -8.23 10.05
N THR G 77 -21.18 -7.53 8.92
CA THR G 77 -19.89 -7.22 8.30
C THR G 77 -19.14 -6.17 9.12
N ARG G 78 -19.89 -5.25 9.72
CA ARG G 78 -19.29 -4.21 10.54
C ARG G 78 -18.55 -4.81 11.74
N GLU G 79 -19.17 -5.73 12.47
CA GLU G 79 -18.53 -6.29 13.65
C GLU G 79 -17.37 -7.20 13.30
N THR G 80 -17.45 -7.88 12.15
CA THR G 80 -16.38 -8.78 11.75
C THR G 80 -15.12 -8.00 11.45
N VAL G 81 -15.25 -7.02 10.55
CA VAL G 81 -14.12 -6.16 10.18
C VAL G 81 -13.70 -5.31 11.37
N LEU G 82 -14.67 -4.77 12.09
CA LEU G 82 -14.43 -3.89 13.22
C LEU G 82 -13.78 -4.66 14.37
N LYS G 83 -14.13 -5.94 14.50
CA LYS G 83 -13.61 -6.77 15.58
C LYS G 83 -12.11 -6.91 15.40
N GLN G 84 -11.69 -7.06 14.14
CA GLN G 84 -10.28 -7.07 13.81
C GLN G 84 -9.71 -5.67 14.03
N ILE G 85 -10.55 -4.65 13.87
CA ILE G 85 -10.16 -3.27 14.13
C ILE G 85 -10.20 -2.95 15.62
N ARG G 86 -10.72 -3.87 16.43
CA ARG G 86 -10.67 -3.70 17.87
C ARG G 86 -9.36 -4.30 18.37
N GLU G 87 -8.92 -5.35 17.69
CA GLU G 87 -7.62 -5.92 17.95
C GLU G 87 -6.56 -4.90 17.58
N PHE G 88 -6.74 -4.27 16.42
CA PHE G 88 -5.87 -3.16 16.00
C PHE G 88 -6.48 -1.87 16.52
N LEU G 89 -5.67 -1.04 17.19
CA LEU G 89 -4.25 -1.27 17.34
C LEU G 89 -3.98 -2.31 18.43
N GLU G 90 -3.14 -3.30 18.09
CA GLU G 90 -2.86 -4.41 19.01
C GLU G 90 -2.24 -3.95 20.32
N GLU G 91 -1.14 -3.21 20.25
CA GLU G 91 -0.50 -2.71 21.46
C GLU G 91 -1.37 -1.63 22.10
N ILE G 92 -1.02 -1.16 23.31
CA ILE G 92 0.16 -1.59 24.07
C ILE G 92 0.47 -3.08 23.92
N THR H 1 -14.02 0.56 32.04
CA THR H 1 -15.03 0.72 31.00
C THR H 1 -14.57 1.74 29.96
N GLU H 2 -13.81 2.74 30.41
CA GLU H 2 -13.34 3.79 29.51
C GLU H 2 -12.42 3.22 28.43
N GLU H 3 -11.66 2.19 28.79
CA GLU H 3 -10.72 1.57 27.85
C GLU H 3 -11.47 0.97 26.66
N THR H 4 -12.46 0.13 26.96
CA THR H 4 -13.23 -0.55 25.92
C THR H 4 -13.98 0.43 25.04
N ILE H 5 -14.47 1.52 25.62
CA ILE H 5 -15.20 2.54 24.88
C ILE H 5 -14.28 3.22 23.86
N THR H 6 -13.07 3.55 24.31
CA THR H 6 -12.11 4.25 23.45
C THR H 6 -11.67 3.36 22.30
N ILE H 7 -11.55 2.07 22.57
CA ILE H 7 -11.20 1.11 21.53
C ILE H 7 -12.29 1.07 20.46
N ASP H 8 -13.55 1.13 20.91
CA ASP H 8 -14.69 1.10 20.00
C ASP H 8 -14.78 2.39 19.19
N SER H 9 -14.47 3.51 19.84
CA SER H 9 -14.59 4.82 19.22
C SER H 9 -13.52 5.03 18.16
N ILE H 10 -12.31 4.57 18.46
CA ILE H 10 -11.19 4.67 17.53
C ILE H 10 -11.41 3.69 16.37
N SER H 11 -12.01 2.54 16.68
CA SER H 11 -12.30 1.54 15.67
C SER H 11 -13.40 2.02 14.74
N ASN H 12 -14.23 2.93 15.23
CA ASN H 12 -15.29 3.50 14.42
C ASN H 12 -14.72 4.45 13.38
N GLY H 13 -13.67 5.18 13.77
CA GLY H 13 -12.99 6.09 12.87
C GLY H 13 -12.20 5.36 11.80
N ILE H 14 -11.57 4.24 12.18
CA ILE H 14 -10.79 3.45 11.24
C ILE H 14 -11.71 2.78 10.22
N LEU H 15 -12.76 2.12 10.70
CA LEU H 15 -13.69 1.42 9.83
C LEU H 15 -14.39 2.38 8.88
N ASN H 16 -14.85 3.50 9.42
CA ASN H 16 -15.53 4.51 8.63
C ASN H 16 -14.59 5.11 7.59
N ASN H 17 -13.32 5.22 7.95
CA ASN H 17 -12.30 5.80 7.08
C ASN H 17 -12.04 4.88 5.89
N LEU H 18 -11.94 3.58 6.16
CA LEU H 18 -11.69 2.60 5.11
C LEU H 18 -12.87 2.49 4.16
N LEU H 19 -14.08 2.48 4.72
CA LEU H 19 -15.29 2.37 3.92
C LEU H 19 -15.42 3.54 2.97
N THR H 20 -15.26 4.75 3.50
CA THR H 20 -15.36 5.96 2.70
C THR H 20 -14.31 5.97 1.59
N THR H 21 -13.11 5.47 1.89
CA THR H 21 -12.07 5.35 0.88
C THR H 21 -12.59 4.53 -0.29
N LEU H 22 -13.22 3.40 0.04
CA LEU H 22 -13.79 2.51 -0.96
C LEU H 22 -14.90 3.20 -1.75
N ILE H 23 -15.75 3.94 -1.06
CA ILE H 23 -16.86 4.64 -1.69
C ILE H 23 -16.35 5.64 -2.72
N GLN H 24 -15.30 6.36 -2.35
CA GLN H 24 -14.70 7.37 -3.23
C GLN H 24 -14.12 6.73 -4.47
N ASP H 25 -13.50 5.57 -4.29
CA ASP H 25 -12.87 4.86 -5.39
C ASP H 25 -13.91 4.49 -6.46
N ILE H 26 -15.05 3.97 -6.02
CA ILE H 26 -16.10 3.54 -6.93
C ILE H 26 -16.71 4.73 -7.66
N VAL H 27 -16.93 5.81 -6.91
CA VAL H 27 -17.54 7.01 -7.48
C VAL H 27 -16.61 7.68 -8.50
N ALA H 28 -15.33 7.80 -8.14
CA ALA H 28 -14.36 8.50 -8.97
C ALA H 28 -14.27 7.89 -10.37
N ARG H 29 -14.28 6.56 -10.43
CA ARG H 29 -14.22 5.87 -11.71
C ARG H 29 -15.45 6.18 -12.55
N GLU H 30 -16.58 6.35 -11.88
CA GLU H 30 -17.86 6.55 -12.56
C GLU H 30 -18.16 8.02 -12.85
N THR H 31 -17.45 8.93 -12.18
CA THR H 31 -17.75 10.35 -12.31
C THR H 31 -16.54 11.15 -12.82
N THR H 32 -16.83 12.18 -13.60
CA THR H 32 -15.80 13.00 -14.22
C THR H 32 -14.96 13.73 -13.19
#